data_9B3O
#
_entry.id   9B3O
#
_cell.length_a   1.00
_cell.length_b   1.00
_cell.length_c   1.00
_cell.angle_alpha   90.00
_cell.angle_beta   90.00
_cell.angle_gamma   90.00
#
_symmetry.space_group_name_H-M   'P 1'
#
_entity_poly.entity_id   1
_entity_poly.type   'polypeptide(L)'
_entity_poly.pdbx_seq_one_letter_code
;MNKQIFVLYFNIFLIFLGIGLVIPVLPVYLKDLGLTGSDLGLLVAAFALSQMIISPFGGTLADKLGKKLIICIGLILFSV
SEFMFAVGHNFSVLMLSRVIGGMSAGMVMPGVTGLIADISPSHQKAKNFGYMSAIINSGFILGPGIGGFMAEVSHRMPFY
FAGALGILAFIMSIVLIHDPKKSTTSGFQKLEPQLLTKINWKVFITPVILTLVLSFGLSAFETLYSLYTADKVNYSPKDI
SIAITGGGIFGALFQIYFFDKFMKYFSELTFIAWSLLYSVVVLILLVFANDYWSIMLISFVVFIGFDMIRPAITNYFSNI
AGERQGFAGGLNSTFTSMGNFIGPLIAGALFDVHIEAPIYMAIGVSLAGVVIVLIEKQHRAAAADLEDNWETLNDNLKVI
EKADNAAQVKDALTKMRAAALDAQKATPPKLEDKSPDSPEMKDFRHGFDILVGQIDDALKLANEGKVKEAQAAAEQLKTT
RNAYIQKYL
;
_entity_poly.pdbx_strand_id   A
#
# COMPACT_ATOMS: atom_id res chain seq x y z
N ASN A 2 -12.79 15.50 -15.64
CA ASN A 2 -14.19 15.10 -15.52
C ASN A 2 -14.42 14.32 -14.23
N LYS A 3 -15.66 13.86 -14.03
CA LYS A 3 -15.99 13.09 -12.84
C LYS A 3 -15.62 11.62 -12.97
N GLN A 4 -15.33 11.13 -14.17
CA GLN A 4 -14.98 9.73 -14.35
C GLN A 4 -13.69 9.39 -13.62
N ILE A 5 -12.66 10.23 -13.76
CA ILE A 5 -11.42 10.00 -13.04
C ILE A 5 -11.66 10.08 -11.54
N PHE A 6 -12.56 10.97 -11.10
CA PHE A 6 -12.82 11.08 -9.67
C PHE A 6 -13.47 9.83 -9.11
N VAL A 7 -14.49 9.29 -9.80
CA VAL A 7 -15.15 8.10 -9.29
C VAL A 7 -14.21 6.89 -9.35
N LEU A 8 -13.41 6.79 -10.41
CA LEU A 8 -12.45 5.69 -10.48
C LEU A 8 -11.38 5.80 -9.39
N TYR A 9 -10.90 7.02 -9.13
CA TYR A 9 -9.95 7.23 -8.05
C TYR A 9 -10.55 6.86 -6.71
N PHE A 10 -11.81 7.22 -6.49
CA PHE A 10 -12.50 6.80 -5.26
C PHE A 10 -12.61 5.28 -5.19
N ASN A 11 -12.85 4.63 -6.32
CA ASN A 11 -12.94 3.16 -6.33
C ASN A 11 -11.62 2.53 -5.87
N ILE A 12 -10.51 2.98 -6.45
CA ILE A 12 -9.22 2.42 -6.05
C ILE A 12 -8.90 2.78 -4.60
N PHE A 13 -9.31 3.99 -4.18
CA PHE A 13 -9.09 4.39 -2.79
C PHE A 13 -9.83 3.46 -1.83
N LEU A 14 -11.08 3.15 -2.14
CA LEU A 14 -11.85 2.24 -1.30
C LEU A 14 -11.25 0.83 -1.30
N ILE A 15 -10.84 0.35 -2.48
CA ILE A 15 -10.28 -0.99 -2.58
C ILE A 15 -9.02 -1.11 -1.74
N PHE A 16 -8.13 -0.13 -1.83
CA PHE A 16 -6.89 -0.19 -1.05
C PHE A 16 -7.07 0.25 0.39
N LEU A 17 -8.18 0.91 0.73
CA LEU A 17 -8.51 1.17 2.12
C LEU A 17 -9.02 -0.09 2.81
N GLY A 18 -9.66 -0.97 2.06
CA GLY A 18 -10.09 -2.26 2.60
C GLY A 18 -8.96 -3.12 3.13
N ILE A 19 -7.73 -2.93 2.62
CA ILE A 19 -6.60 -3.71 3.10
C ILE A 19 -6.31 -3.38 4.56
N GLY A 20 -6.23 -2.08 4.88
CA GLY A 20 -5.86 -1.65 6.20
C GLY A 20 -7.00 -1.34 7.14
N LEU A 21 -8.25 -1.41 6.67
CA LEU A 21 -9.37 -1.13 7.56
C LEU A 21 -9.46 -2.13 8.71
N VAL A 22 -8.82 -3.30 8.59
CA VAL A 22 -8.88 -4.31 9.65
C VAL A 22 -7.70 -4.21 10.62
N ILE A 23 -6.75 -3.32 10.37
CA ILE A 23 -5.58 -3.21 11.24
C ILE A 23 -5.94 -2.90 12.68
N PRO A 24 -6.78 -1.89 12.97
CA PRO A 24 -7.07 -1.59 14.39
C PRO A 24 -8.12 -2.51 15.01
N VAL A 25 -9.00 -3.10 14.21
CA VAL A 25 -9.95 -4.07 14.75
C VAL A 25 -9.21 -5.34 15.16
N LEU A 26 -8.09 -5.63 14.51
CA LEU A 26 -7.35 -6.87 14.78
C LEU A 26 -6.92 -7.02 16.24
N PRO A 27 -6.40 -5.99 16.93
CA PRO A 27 -6.17 -6.17 18.37
C PRO A 27 -7.42 -6.54 19.15
N VAL A 28 -8.57 -6.02 18.76
CA VAL A 28 -9.83 -6.43 19.38
C VAL A 28 -10.13 -7.89 19.06
N TYR A 29 -9.75 -8.34 17.87
CA TYR A 29 -9.90 -9.74 17.49
C TYR A 29 -8.81 -10.63 18.04
N LEU A 30 -7.80 -10.05 18.72
CA LEU A 30 -6.74 -10.87 19.31
C LEU A 30 -7.22 -11.62 20.54
N LYS A 31 -8.25 -11.10 21.21
CA LYS A 31 -8.77 -11.70 22.43
C LYS A 31 -10.06 -12.49 22.20
N ASP A 32 -10.43 -12.75 20.95
CA ASP A 32 -11.66 -13.49 20.67
C ASP A 32 -11.48 -14.99 20.83
N LEU A 35 -5.08 -14.32 20.80
CA LEU A 35 -4.33 -14.59 19.58
C LEU A 35 -2.96 -13.91 19.61
N THR A 36 -2.13 -14.23 18.63
CA THR A 36 -0.79 -13.70 18.52
C THR A 36 -0.70 -12.80 17.28
N GLY A 37 0.53 -12.39 16.94
CA GLY A 37 0.72 -11.62 15.73
C GLY A 37 0.81 -12.45 14.46
N SER A 38 1.06 -13.75 14.58
CA SER A 38 1.23 -14.59 13.40
C SER A 38 -0.07 -14.71 12.61
N ASP A 39 -1.17 -15.06 13.28
CA ASP A 39 -2.45 -15.17 12.58
C ASP A 39 -2.95 -13.81 12.13
N LEU A 40 -2.63 -12.74 12.87
CA LEU A 40 -2.97 -11.40 12.42
C LEU A 40 -2.27 -11.09 11.10
N GLY A 41 -0.97 -11.38 11.02
CA GLY A 41 -0.24 -11.15 9.79
C GLY A 41 -0.76 -12.00 8.65
N LEU A 42 -1.09 -13.25 8.92
CA LEU A 42 -1.67 -14.12 7.89
C LEU A 42 -3.00 -13.57 7.39
N LEU A 43 -3.85 -13.11 8.31
CA LEU A 43 -5.13 -12.55 7.93
C LEU A 43 -4.95 -11.33 7.04
N VAL A 44 -4.04 -10.43 7.43
CA VAL A 44 -3.81 -9.24 6.62
C VAL A 44 -3.21 -9.61 5.26
N ALA A 45 -2.37 -10.65 5.22
CA ALA A 45 -1.69 -11.02 4.00
C ALA A 45 -2.55 -11.80 3.01
N ALA A 46 -3.64 -12.41 3.49
CA ALA A 46 -4.51 -13.16 2.58
C ALA A 46 -5.08 -12.28 1.48
N PHE A 47 -5.52 -11.07 1.85
CA PHE A 47 -6.03 -10.11 0.88
C PHE A 47 -5.02 -9.88 -0.24
N ALA A 48 -3.77 -9.55 0.13
CA ALA A 48 -2.75 -9.24 -0.85
C ALA A 48 -2.41 -10.45 -1.69
N LEU A 49 -2.32 -11.64 -1.08
CA LEU A 49 -2.01 -12.83 -1.84
C LEU A 49 -3.07 -13.13 -2.88
N SER A 50 -4.34 -13.05 -2.48
CA SER A 50 -5.42 -13.29 -3.44
C SER A 50 -5.42 -12.26 -4.55
N GLN A 51 -5.19 -10.99 -4.20
CA GLN A 51 -5.15 -9.95 -5.23
C GLN A 51 -4.03 -10.20 -6.22
N MET A 52 -2.84 -10.58 -5.73
CA MET A 52 -1.72 -10.86 -6.62
C MET A 52 -2.04 -12.05 -7.52
N ILE A 53 -2.63 -13.10 -6.95
CA ILE A 53 -2.95 -14.29 -7.75
C ILE A 53 -3.93 -13.95 -8.86
N ILE A 54 -4.98 -13.18 -8.54
CA ILE A 54 -6.09 -13.01 -9.47
C ILE A 54 -5.92 -11.77 -10.35
N SER A 55 -4.89 -10.96 -10.14
CA SER A 55 -4.66 -9.81 -11.03
C SER A 55 -4.50 -10.22 -12.49
N PRO A 56 -3.67 -11.19 -12.86
CA PRO A 56 -3.64 -11.60 -14.27
C PRO A 56 -4.92 -12.26 -14.73
N PHE A 57 -5.51 -13.12 -13.90
CA PHE A 57 -6.81 -13.71 -14.23
C PHE A 57 -7.87 -12.63 -14.34
N GLY A 58 -7.84 -11.64 -13.46
CA GLY A 58 -8.77 -10.54 -13.56
C GLY A 58 -8.61 -9.75 -14.85
N GLY A 59 -7.37 -9.52 -15.27
CA GLY A 59 -7.15 -8.84 -16.54
C GLY A 59 -7.66 -9.65 -17.72
N THR A 60 -7.41 -10.96 -17.71
CA THR A 60 -7.90 -11.81 -18.78
C THR A 60 -9.43 -11.81 -18.82
N LEU A 61 -10.07 -11.90 -17.65
CA LEU A 61 -11.53 -11.87 -17.60
C LEU A 61 -12.07 -10.53 -18.11
N ALA A 62 -11.42 -9.42 -17.72
CA ALA A 62 -11.83 -8.12 -18.22
C ALA A 62 -11.69 -8.04 -19.73
N ASP A 63 -10.63 -8.65 -20.27
CA ASP A 63 -10.51 -8.73 -21.72
C ASP A 63 -11.66 -9.52 -22.34
N LYS A 64 -12.05 -10.63 -21.70
CA LYS A 64 -13.14 -11.43 -22.21
C LYS A 64 -14.46 -10.66 -22.16
N LEU A 65 -14.80 -10.09 -21.00
CA LEU A 65 -15.78 -9.03 -20.89
C LEU A 65 -15.39 -8.15 -19.72
N GLY A 66 -15.36 -6.84 -19.92
CA GLY A 66 -15.02 -5.95 -18.81
C GLY A 66 -14.85 -4.52 -19.27
N LYS A 67 -14.09 -3.78 -18.47
CA LYS A 67 -13.83 -2.34 -18.60
C LYS A 67 -15.05 -1.51 -18.21
N LYS A 68 -16.20 -2.16 -18.02
CA LYS A 68 -17.31 -1.57 -17.29
C LYS A 68 -18.03 -2.56 -16.38
N LEU A 69 -17.96 -3.86 -16.65
CA LEU A 69 -18.68 -4.87 -15.88
C LEU A 69 -17.78 -5.54 -14.85
N ILE A 70 -16.50 -5.71 -15.17
CA ILE A 70 -15.57 -6.31 -14.21
C ILE A 70 -15.42 -5.40 -12.99
N ILE A 71 -15.46 -4.08 -13.20
CA ILE A 71 -15.41 -3.15 -12.07
C ILE A 71 -16.63 -3.35 -11.16
N CYS A 72 -17.81 -3.47 -11.76
CA CYS A 72 -19.03 -3.65 -10.98
C CYS A 72 -19.01 -4.96 -10.20
N ILE A 73 -18.61 -6.06 -10.86
CA ILE A 73 -18.58 -7.34 -10.17
C ILE A 73 -17.53 -7.34 -9.07
N GLY A 74 -16.40 -6.66 -9.28
CA GLY A 74 -15.43 -6.53 -8.21
C GLY A 74 -15.95 -5.73 -7.05
N LEU A 75 -16.72 -4.68 -7.32
CA LEU A 75 -17.34 -3.92 -6.23
C LEU A 75 -18.33 -4.77 -5.45
N ILE A 76 -19.10 -5.60 -6.15
CA ILE A 76 -20.03 -6.50 -5.47
C ILE A 76 -19.28 -7.49 -4.58
N LEU A 77 -18.20 -8.07 -5.11
CA LEU A 77 -17.40 -9.00 -4.31
C LEU A 77 -16.81 -8.29 -3.09
N PHE A 78 -16.33 -7.07 -3.27
CA PHE A 78 -15.77 -6.31 -2.15
C PHE A 78 -16.81 -6.07 -1.08
N SER A 79 -18.01 -5.64 -1.48
CA SER A 79 -19.06 -5.37 -0.50
C SER A 79 -19.46 -6.65 0.22
N VAL A 80 -19.58 -7.76 -0.52
CA VAL A 80 -19.94 -9.03 0.11
C VAL A 80 -18.87 -9.46 1.10
N SER A 81 -17.59 -9.30 0.73
CA SER A 81 -16.50 -9.66 1.62
C SER A 81 -16.53 -8.84 2.90
N GLU A 82 -16.76 -7.52 2.78
CA GLU A 82 -16.76 -6.68 3.97
C GLU A 82 -17.97 -6.96 4.86
N PHE A 83 -19.13 -7.22 4.25
CA PHE A 83 -20.29 -7.59 5.06
C PHE A 83 -20.06 -8.91 5.77
N MET A 84 -19.46 -9.89 5.08
CA MET A 84 -19.17 -11.18 5.69
C MET A 84 -18.18 -11.02 6.83
N PHE A 85 -17.19 -10.15 6.67
CA PHE A 85 -16.28 -9.84 7.77
C PHE A 85 -17.03 -9.22 8.94
N ALA A 86 -18.01 -8.36 8.64
CA ALA A 86 -18.79 -7.73 9.70
C ALA A 86 -19.58 -8.77 10.49
N VAL A 87 -20.21 -9.73 9.82
CA VAL A 87 -21.06 -10.67 10.52
C VAL A 87 -20.28 -11.87 11.05
N GLY A 88 -19.31 -12.37 10.27
CA GLY A 88 -18.66 -13.62 10.62
C GLY A 88 -17.78 -13.50 11.85
N HIS A 89 -17.59 -14.65 12.50
CA HIS A 89 -16.73 -14.73 13.68
C HIS A 89 -15.74 -15.89 13.55
N ASN A 90 -16.11 -16.91 12.78
CA ASN A 90 -15.24 -18.06 12.61
C ASN A 90 -13.99 -17.66 11.84
N PHE A 91 -12.85 -18.23 12.25
CA PHE A 91 -11.59 -17.90 11.60
C PHE A 91 -11.59 -18.31 10.13
N SER A 92 -12.21 -19.44 9.81
CA SER A 92 -12.36 -19.82 8.40
C SER A 92 -13.22 -18.81 7.66
N VAL A 93 -14.28 -18.30 8.31
CA VAL A 93 -15.12 -17.30 7.67
C VAL A 93 -14.33 -16.01 7.42
N LEU A 94 -13.52 -15.59 8.39
CA LEU A 94 -12.68 -14.41 8.20
C LEU A 94 -11.68 -14.63 7.06
N MET A 95 -11.08 -15.82 7.01
CA MET A 95 -10.11 -16.14 5.97
C MET A 95 -10.75 -16.08 4.60
N LEU A 96 -11.95 -16.67 4.47
CA LEU A 96 -12.66 -16.65 3.20
C LEU A 96 -13.08 -15.23 2.82
N SER A 97 -13.51 -14.44 3.81
CA SER A 97 -13.87 -13.05 3.53
C SER A 97 -12.69 -12.27 2.99
N ARG A 98 -11.52 -12.45 3.60
CA ARG A 98 -10.33 -11.77 3.09
C ARG A 98 -9.92 -12.29 1.72
N VAL A 99 -10.10 -13.59 1.47
CA VAL A 99 -9.76 -14.14 0.16
C VAL A 99 -10.64 -13.56 -0.92
N ILE A 100 -11.96 -13.48 -0.67
CA ILE A 100 -12.84 -12.93 -1.68
C ILE A 100 -12.68 -11.41 -1.78
N GLY A 101 -12.25 -10.76 -0.70
CA GLY A 101 -11.87 -9.36 -0.81
C GLY A 101 -10.67 -9.16 -1.71
N GLY A 102 -9.68 -10.04 -1.61
CA GLY A 102 -8.58 -10.01 -2.55
C GLY A 102 -9.02 -10.29 -3.97
N MET A 103 -9.97 -11.21 -4.14
CA MET A 103 -10.56 -11.44 -5.45
C MET A 103 -11.17 -10.16 -6.00
N SER A 104 -11.90 -9.43 -5.17
CA SER A 104 -12.52 -8.19 -5.60
C SER A 104 -11.46 -7.15 -5.98
N ALA A 105 -10.40 -7.05 -5.18
CA ALA A 105 -9.33 -6.11 -5.50
C ALA A 105 -8.69 -6.46 -6.84
N GLY A 106 -8.43 -7.75 -7.08
CA GLY A 106 -7.84 -8.18 -8.32
C GLY A 106 -8.76 -8.06 -9.52
N MET A 107 -10.07 -8.05 -9.28
CA MET A 107 -11.03 -7.81 -10.36
C MET A 107 -11.24 -6.34 -10.65
N VAL A 108 -11.02 -5.48 -9.65
CA VAL A 108 -11.27 -4.05 -9.82
C VAL A 108 -10.05 -3.32 -10.34
N MET A 109 -8.86 -3.60 -9.78
CA MET A 109 -7.68 -2.79 -10.11
C MET A 109 -7.33 -2.77 -11.59
N PRO A 110 -7.27 -3.91 -12.30
CA PRO A 110 -6.97 -3.82 -13.74
C PRO A 110 -7.98 -3.00 -14.52
N GLY A 111 -9.26 -3.13 -14.20
CA GLY A 111 -10.28 -2.38 -14.91
C GLY A 111 -10.12 -0.88 -14.72
N VAL A 112 -9.93 -0.45 -13.48
CA VAL A 112 -9.81 0.98 -13.22
C VAL A 112 -8.54 1.54 -13.83
N THR A 113 -7.41 0.82 -13.72
CA THR A 113 -6.19 1.37 -14.31
C THR A 113 -6.28 1.42 -15.82
N GLY A 114 -6.88 0.41 -16.46
CA GLY A 114 -7.05 0.46 -17.91
C GLY A 114 -7.97 1.58 -18.34
N LEU A 115 -9.06 1.80 -17.61
CA LEU A 115 -9.98 2.88 -17.95
C LEU A 115 -9.29 4.23 -17.82
N ILE A 116 -8.56 4.46 -16.73
CA ILE A 116 -7.89 5.75 -16.55
C ILE A 116 -6.79 5.92 -17.59
N ALA A 117 -6.12 4.83 -17.96
CA ALA A 117 -5.18 4.90 -19.09
C ALA A 117 -5.88 5.17 -20.41
N ASP A 118 -7.18 4.89 -20.49
CA ASP A 118 -7.95 5.10 -21.71
C ASP A 118 -9.00 6.21 -21.62
N ILE A 119 -9.25 6.75 -20.43
CA ILE A 119 -10.22 7.83 -20.27
C ILE A 119 -9.53 9.13 -19.84
N SER A 120 -8.22 9.23 -20.08
CA SER A 120 -7.46 10.43 -19.75
C SER A 120 -6.28 10.53 -20.70
N PRO A 121 -6.02 11.71 -21.27
CA PRO A 121 -4.90 11.88 -22.21
C PRO A 121 -3.54 12.00 -21.53
N SER A 122 -3.27 11.09 -20.60
CA SER A 122 -2.01 11.08 -19.87
C SER A 122 -1.78 9.73 -19.21
N ALA A 126 1.21 9.13 -17.50
CA ALA A 126 2.22 10.10 -17.08
C ALA A 126 1.92 10.62 -15.68
N LYS A 127 1.36 11.82 -15.61
CA LYS A 127 1.01 12.40 -14.30
C LYS A 127 -0.17 11.67 -13.68
N ASN A 128 -1.10 11.18 -14.50
CA ASN A 128 -2.27 10.48 -13.95
C ASN A 128 -1.86 9.21 -13.24
N PHE A 129 -0.86 8.49 -13.74
CA PHE A 129 -0.36 7.32 -13.02
C PHE A 129 0.34 7.71 -11.73
N GLY A 130 1.01 8.86 -11.72
CA GLY A 130 1.55 9.37 -10.47
C GLY A 130 0.47 9.66 -9.45
N TYR A 131 -0.63 10.24 -9.89
CA TYR A 131 -1.78 10.45 -9.02
C TYR A 131 -2.36 9.13 -8.55
N MET A 132 -2.39 8.13 -9.43
CA MET A 132 -2.81 6.79 -9.03
C MET A 132 -1.95 6.25 -7.91
N SER A 133 -0.63 6.37 -8.05
CA SER A 133 0.27 5.87 -7.02
C SER A 133 0.08 6.65 -5.71
N ALA A 134 -0.08 7.96 -5.81
CA ALA A 134 -0.31 8.77 -4.62
C ALA A 134 -1.59 8.35 -3.90
N ILE A 135 -2.67 8.15 -4.66
CA ILE A 135 -3.94 7.78 -4.07
C ILE A 135 -3.88 6.38 -3.48
N ILE A 136 -3.17 5.47 -4.15
CA ILE A 136 -3.03 4.11 -3.63
C ILE A 136 -2.29 4.14 -2.29
N ASN A 137 -1.17 4.87 -2.24
CA ASN A 137 -0.42 4.97 -0.99
C ASN A 137 -1.23 5.65 0.09
N SER A 138 -1.93 6.73 -0.25
CA SER A 138 -2.73 7.45 0.72
C SER A 138 -3.85 6.58 1.28
N GLY A 139 -4.53 5.82 0.43
CA GLY A 139 -5.55 4.92 0.91
C GLY A 139 -5.00 3.81 1.77
N PHE A 140 -3.87 3.22 1.35
CA PHE A 140 -3.24 2.17 2.14
C PHE A 140 -2.88 2.68 3.53
N ILE A 141 -2.30 3.89 3.61
CA ILE A 141 -1.91 4.43 4.91
C ILE A 141 -3.13 4.82 5.73
N LEU A 142 -4.13 5.45 5.09
CA LEU A 142 -5.27 5.98 5.81
C LEU A 142 -6.21 4.89 6.31
N GLY A 143 -6.22 3.72 5.67
CA GLY A 143 -7.09 2.63 6.05
C GLY A 143 -7.17 2.38 7.55
N PRO A 144 -6.04 2.05 8.17
CA PRO A 144 -6.05 1.85 9.62
C PRO A 144 -6.54 3.06 10.40
N GLY A 145 -6.21 4.28 9.95
CA GLY A 145 -6.65 5.45 10.69
C GLY A 145 -8.16 5.57 10.75
N ILE A 146 -8.81 5.51 9.58
CA ILE A 146 -10.26 5.64 9.54
C ILE A 146 -10.93 4.44 10.21
N GLY A 147 -10.37 3.25 10.01
CA GLY A 147 -10.92 2.08 10.66
C GLY A 147 -10.90 2.18 12.17
N GLY A 148 -9.77 2.64 12.73
CA GLY A 148 -9.70 2.85 14.16
C GLY A 148 -10.61 3.96 14.64
N PHE A 149 -10.79 5.00 13.82
CA PHE A 149 -11.73 6.06 14.20
C PHE A 149 -13.14 5.53 14.31
N MET A 150 -13.56 4.67 13.37
CA MET A 150 -14.89 4.07 13.51
C MET A 150 -14.94 2.97 14.55
N ALA A 151 -13.81 2.40 14.95
CA ALA A 151 -13.83 1.33 15.94
C ALA A 151 -14.30 1.82 17.30
N GLU A 152 -14.32 3.13 17.53
CA GLU A 152 -14.79 3.66 18.80
C GLU A 152 -16.30 3.44 18.97
N VAL A 153 -17.09 3.77 17.95
CA VAL A 153 -18.54 3.65 18.07
C VAL A 153 -18.96 2.19 18.11
N SER A 154 -18.27 1.33 17.36
CA SER A 154 -18.56 -0.10 17.36
C SER A 154 -17.39 -0.84 16.76
N HIS A 155 -17.21 -2.09 17.19
CA HIS A 155 -16.11 -2.90 16.68
C HIS A 155 -16.40 -3.50 15.31
N ARG A 156 -17.64 -3.43 14.83
CA ARG A 156 -17.98 -3.87 13.49
C ARG A 156 -18.48 -2.74 12.61
N MET A 157 -18.57 -1.52 13.14
CA MET A 157 -19.02 -0.40 12.34
C MET A 157 -18.14 -0.09 11.12
N PRO A 158 -16.81 -0.13 11.19
CA PRO A 158 -16.02 0.17 9.98
C PRO A 158 -16.35 -0.73 8.81
N PHE A 159 -16.63 -2.00 9.05
CA PHE A 159 -16.94 -2.91 7.95
C PHE A 159 -18.32 -2.63 7.35
N TYR A 160 -19.28 -2.27 8.20
CA TYR A 160 -20.58 -1.84 7.68
C TYR A 160 -20.43 -0.58 6.84
N PHE A 161 -19.60 0.38 7.31
CA PHE A 161 -19.38 1.59 6.54
C PHE A 161 -18.71 1.27 5.21
N ALA A 162 -17.75 0.36 5.20
CA ALA A 162 -17.08 -0.03 3.96
C ALA A 162 -18.04 -0.72 3.00
N GLY A 163 -18.94 -1.57 3.52
CA GLY A 163 -19.94 -2.18 2.66
C GLY A 163 -20.89 -1.16 2.06
N ALA A 164 -21.32 -0.18 2.87
CA ALA A 164 -22.16 0.89 2.35
C ALA A 164 -21.42 1.69 1.29
N LEU A 165 -20.14 1.96 1.51
CA LEU A 165 -19.35 2.67 0.51
C LEU A 165 -19.21 1.85 -0.76
N GLY A 166 -19.09 0.53 -0.63
CA GLY A 166 -19.04 -0.32 -1.82
C GLY A 166 -20.34 -0.29 -2.61
N ILE A 167 -21.47 -0.31 -1.91
CA ILE A 167 -22.75 -0.20 -2.60
C ILE A 167 -22.89 1.17 -3.27
N LEU A 168 -22.44 2.23 -2.60
CA LEU A 168 -22.45 3.54 -3.20
C LEU A 168 -21.55 3.60 -4.43
N ALA A 169 -20.41 2.90 -4.39
CA ALA A 169 -19.54 2.82 -5.55
C ALA A 169 -20.20 2.05 -6.69
N PHE A 170 -20.96 1.00 -6.35
CA PHE A 170 -21.80 0.34 -7.34
C PHE A 170 -22.72 1.34 -8.05
N ILE A 171 -23.46 2.12 -7.26
CA ILE A 171 -24.42 3.04 -7.85
C ILE A 171 -23.72 4.11 -8.68
N MET A 172 -22.58 4.60 -8.19
CA MET A 172 -21.84 5.61 -8.92
C MET A 172 -21.30 5.08 -10.24
N SER A 173 -20.77 3.85 -10.23
CA SER A 173 -20.25 3.25 -11.46
C SER A 173 -21.38 2.95 -12.43
N ILE A 174 -22.55 2.56 -11.93
CA ILE A 174 -23.71 2.36 -12.79
C ILE A 174 -24.12 3.67 -13.45
N VAL A 175 -24.15 4.75 -12.67
CA VAL A 175 -24.55 6.06 -13.18
C VAL A 175 -23.43 6.81 -13.87
N LEU A 176 -22.27 6.19 -14.06
CA LEU A 176 -21.14 6.82 -14.73
C LEU A 176 -20.53 5.85 -15.73
N ILE A 177 -19.37 6.23 -16.27
CA ILE A 177 -18.64 5.44 -17.25
C ILE A 177 -19.49 5.13 -18.48
N ILE A 199 12.99 -8.04 -25.63
CA ILE A 199 13.24 -7.04 -24.59
C ILE A 199 13.87 -7.70 -23.38
N ASN A 200 15.10 -7.32 -23.06
CA ASN A 200 15.80 -7.87 -21.91
C ASN A 200 15.12 -7.44 -20.62
N TRP A 201 15.07 -8.35 -19.65
CA TRP A 201 14.42 -8.09 -18.38
C TRP A 201 15.38 -7.55 -17.32
N LYS A 202 16.65 -7.32 -17.68
CA LYS A 202 17.62 -6.82 -16.70
C LYS A 202 17.28 -5.42 -16.23
N VAL A 203 16.63 -4.62 -17.07
CA VAL A 203 16.29 -3.26 -16.68
C VAL A 203 15.25 -3.26 -15.57
N PHE A 204 14.33 -4.22 -15.57
CA PHE A 204 13.27 -4.28 -14.57
C PHE A 204 13.73 -4.87 -13.24
N ILE A 205 14.91 -5.49 -13.19
CA ILE A 205 15.31 -6.18 -11.97
C ILE A 205 15.58 -5.20 -10.85
N THR A 206 15.96 -3.96 -11.18
CA THR A 206 16.25 -2.98 -10.13
C THR A 206 14.98 -2.38 -9.53
N PRO A 207 14.06 -1.81 -10.33
CA PRO A 207 12.87 -1.21 -9.70
C PRO A 207 11.97 -2.24 -9.04
N VAL A 208 11.86 -3.44 -9.61
CA VAL A 208 10.97 -4.46 -9.06
C VAL A 208 11.34 -4.74 -7.61
N ILE A 209 12.62 -5.01 -7.36
CA ILE A 209 13.09 -5.19 -5.98
C ILE A 209 12.74 -3.95 -5.16
N LEU A 210 13.04 -2.77 -5.71
CA LEU A 210 12.68 -1.53 -5.04
C LEU A 210 11.21 -1.52 -4.68
N THR A 211 10.35 -1.91 -5.64
CA THR A 211 8.92 -1.97 -5.36
C THR A 211 8.66 -2.86 -4.16
N LEU A 212 9.20 -4.08 -4.19
CA LEU A 212 9.06 -4.99 -3.06
C LEU A 212 9.49 -4.29 -1.79
N VAL A 213 10.67 -3.66 -1.82
CA VAL A 213 11.20 -3.01 -0.63
C VAL A 213 10.19 -2.03 -0.07
N LEU A 214 9.65 -1.17 -0.93
CA LEU A 214 8.67 -0.20 -0.45
C LEU A 214 7.48 -0.93 0.14
N SER A 215 6.90 -1.86 -0.62
CA SER A 215 5.74 -2.58 -0.13
C SER A 215 6.09 -3.56 0.97
N PHE A 216 7.39 -3.79 1.21
CA PHE A 216 7.79 -4.49 2.43
C PHE A 216 8.05 -3.51 3.55
N GLY A 217 8.62 -2.34 3.25
CA GLY A 217 8.91 -1.38 4.29
C GLY A 217 7.64 -0.79 4.90
N LEU A 218 6.63 -0.56 4.07
CA LEU A 218 5.42 0.11 4.55
C LEU A 218 4.49 -0.86 5.27
N SER A 219 3.99 -1.87 4.55
CA SER A 219 2.94 -2.73 5.08
C SER A 219 3.35 -3.35 6.40
N ALA A 220 4.51 -4.01 6.44
CA ALA A 220 4.98 -4.61 7.67
C ALA A 220 4.99 -3.60 8.80
N PHE A 221 5.57 -2.42 8.54
CA PHE A 221 5.59 -1.38 9.57
C PHE A 221 4.18 -1.05 10.01
N GLU A 222 3.27 -0.83 9.05
CA GLU A 222 1.90 -0.49 9.43
C GLU A 222 1.19 -1.64 10.09
N THR A 223 1.65 -2.88 9.91
CA THR A 223 1.09 -3.99 10.66
C THR A 223 1.58 -3.98 12.09
N LEU A 224 2.83 -3.56 12.30
CA LEU A 224 3.40 -3.59 13.64
C LEU A 224 3.02 -2.37 14.46
N TYR A 225 3.04 -1.18 13.83
CA TYR A 225 2.92 0.08 14.54
C TYR A 225 1.81 0.07 15.58
N SER A 226 0.57 -0.18 15.14
CA SER A 226 -0.55 -0.27 16.06
C SER A 226 -0.21 -1.15 17.25
N LEU A 227 0.08 -2.43 17.00
CA LEU A 227 0.43 -3.34 18.08
C LEU A 227 1.61 -2.79 18.87
N TYR A 228 2.63 -2.29 18.17
CA TYR A 228 3.79 -1.73 18.86
C TYR A 228 3.37 -0.58 19.76
N THR A 229 2.55 0.33 19.24
CA THR A 229 2.08 1.44 20.07
C THR A 229 1.18 0.94 21.19
N ALA A 230 0.48 -0.18 20.97
CA ALA A 230 -0.34 -0.75 22.02
C ALA A 230 0.50 -1.41 23.12
N ASP A 231 1.80 -1.55 22.91
CA ASP A 231 2.67 -2.22 23.88
C ASP A 231 3.67 -1.28 24.54
N LYS A 232 4.31 -0.40 23.78
CA LYS A 232 5.34 0.46 24.34
C LYS A 232 4.76 1.50 25.29
N VAL A 233 3.71 2.20 24.85
CA VAL A 233 3.17 3.33 25.58
C VAL A 233 1.70 3.17 25.93
N ASN A 234 1.14 1.98 25.69
CA ASN A 234 -0.26 1.69 25.98
C ASN A 234 -1.19 2.69 25.26
N TYR A 235 -1.14 2.64 23.94
CA TYR A 235 -1.96 3.51 23.12
C TYR A 235 -3.43 3.05 23.17
N SER A 236 -4.28 3.81 22.49
CA SER A 236 -5.70 3.56 22.39
C SER A 236 -6.10 3.51 20.92
N PRO A 237 -7.17 2.80 20.58
CA PRO A 237 -7.57 2.73 19.16
C PRO A 237 -7.84 4.10 18.55
N LYS A 238 -8.47 5.00 19.30
CA LYS A 238 -8.65 6.37 18.81
C LYS A 238 -7.30 7.08 18.66
N ASP A 239 -6.39 6.86 19.61
CA ASP A 239 -5.08 7.51 19.55
C ASP A 239 -4.25 6.97 18.39
N ILE A 240 -4.24 5.65 18.19
CA ILE A 240 -3.56 5.07 17.05
C ILE A 240 -4.18 5.59 15.75
N SER A 241 -5.51 5.68 15.72
CA SER A 241 -6.20 6.14 14.53
C SER A 241 -5.81 7.58 14.18
N ILE A 242 -5.78 8.46 15.18
CA ILE A 242 -5.45 9.85 14.90
C ILE A 242 -3.99 9.98 14.52
N ALA A 243 -3.11 9.20 15.14
CA ALA A 243 -1.70 9.24 14.76
C ALA A 243 -1.50 8.81 13.32
N ILE A 244 -2.13 7.71 12.92
CA ILE A 244 -1.98 7.20 11.56
C ILE A 244 -2.60 8.14 10.55
N THR A 245 -3.77 8.72 10.88
CA THR A 245 -4.43 9.65 9.97
C THR A 245 -3.59 10.91 9.79
N GLY A 246 -3.03 11.44 10.89
CA GLY A 246 -2.17 12.59 10.77
C GLY A 246 -0.92 12.31 9.96
N GLY A 247 -0.31 11.15 10.18
CA GLY A 247 0.85 10.77 9.39
C GLY A 247 0.53 10.66 7.91
N GLY A 248 -0.59 10.00 7.58
CA GLY A 248 -0.97 9.86 6.19
C GLY A 248 -1.29 11.18 5.52
N ILE A 249 -2.02 12.05 6.22
CA ILE A 249 -2.36 13.35 5.65
C ILE A 249 -1.11 14.19 5.46
N PHE A 250 -0.21 14.19 6.45
CA PHE A 250 1.03 14.94 6.32
C PHE A 250 1.87 14.41 5.16
N GLY A 251 1.98 13.09 5.01
CA GLY A 251 2.74 12.55 3.91
C GLY A 251 2.14 12.89 2.56
N ALA A 252 0.81 12.77 2.44
CA ALA A 252 0.15 13.10 1.17
C ALA A 252 0.32 14.57 0.83
N LEU A 253 0.16 15.46 1.81
CA LEU A 253 0.34 16.88 1.55
C LEU A 253 1.77 17.21 1.18
N PHE A 254 2.75 16.61 1.88
CA PHE A 254 4.14 16.85 1.55
C PHE A 254 4.47 16.40 0.14
N GLN A 255 3.95 15.23 -0.26
CA GLN A 255 4.14 14.78 -1.64
C GLN A 255 3.51 15.77 -2.62
N ILE A 256 2.23 16.07 -2.44
CA ILE A 256 1.50 16.89 -3.39
C ILE A 256 2.04 18.33 -3.45
N TYR A 257 2.80 18.75 -2.45
CA TYR A 257 3.32 20.11 -2.43
C TYR A 257 4.83 20.20 -2.63
N PHE A 258 5.54 19.08 -2.72
CA PHE A 258 6.98 19.19 -2.94
C PHE A 258 7.55 18.15 -3.91
N PHE A 259 6.71 17.31 -4.53
CA PHE A 259 7.25 16.28 -5.41
C PHE A 259 7.94 16.86 -6.62
N ASP A 260 7.35 17.89 -7.24
CA ASP A 260 7.97 18.50 -8.41
C ASP A 260 9.29 19.16 -8.06
N LYS A 261 9.34 19.86 -6.92
CA LYS A 261 10.59 20.50 -6.51
C LYS A 261 11.67 19.47 -6.24
N PHE A 262 11.33 18.41 -5.51
CA PHE A 262 12.33 17.38 -5.21
C PHE A 262 12.75 16.62 -6.46
N MET A 263 11.86 16.50 -7.45
CA MET A 263 12.24 15.91 -8.72
C MET A 263 13.17 16.83 -9.50
N LYS A 264 12.99 18.15 -9.36
CA LYS A 264 13.91 19.08 -9.99
C LYS A 264 15.28 19.00 -9.33
N TYR A 265 15.33 18.81 -8.01
CA TYR A 265 16.60 18.86 -7.30
C TYR A 265 17.43 17.59 -7.53
N PHE A 266 16.89 16.45 -7.13
CA PHE A 266 17.54 15.15 -7.34
C PHE A 266 17.00 14.45 -8.59
N SER A 267 17.64 13.34 -8.92
CA SER A 267 17.16 12.42 -9.94
C SER A 267 16.30 11.35 -9.27
N GLU A 268 15.98 10.28 -10.00
CA GLU A 268 15.17 9.21 -9.43
C GLU A 268 15.92 8.46 -8.33
N LEU A 269 17.05 7.85 -8.70
CA LEU A 269 17.71 6.93 -7.77
C LEU A 269 18.24 7.65 -6.54
N THR A 270 18.80 8.85 -6.71
CA THR A 270 19.30 9.59 -5.56
C THR A 270 18.17 9.99 -4.62
N PHE A 271 17.04 10.42 -5.17
CA PHE A 271 15.89 10.75 -4.34
C PHE A 271 15.37 9.54 -3.59
N ILE A 272 15.32 8.38 -4.27
CA ILE A 272 14.88 7.16 -3.60
C ILE A 272 15.83 6.81 -2.46
N ALA A 273 17.13 6.92 -2.69
CA ALA A 273 18.10 6.60 -1.65
C ALA A 273 17.96 7.54 -0.46
N TRP A 274 17.77 8.83 -0.72
CA TRP A 274 17.62 9.79 0.38
C TRP A 274 16.32 9.56 1.14
N SER A 275 15.24 9.21 0.44
CA SER A 275 13.99 8.91 1.12
C SER A 275 14.13 7.66 1.98
N LEU A 276 14.84 6.65 1.50
CA LEU A 276 15.07 5.45 2.29
C LEU A 276 15.93 5.73 3.51
N LEU A 277 16.95 6.58 3.37
CA LEU A 277 17.75 6.99 4.52
C LEU A 277 16.90 7.75 5.53
N TYR A 278 16.02 8.63 5.05
CA TYR A 278 15.12 9.35 5.95
C TYR A 278 14.22 8.38 6.70
N SER A 279 13.68 7.39 5.99
CA SER A 279 12.85 6.38 6.64
C SER A 279 13.63 5.60 7.67
N VAL A 280 14.89 5.26 7.37
CA VAL A 280 15.74 4.56 8.33
C VAL A 280 15.92 5.40 9.58
N VAL A 281 16.22 6.69 9.41
CA VAL A 281 16.45 7.56 10.54
C VAL A 281 15.19 7.69 11.38
N VAL A 282 14.03 7.85 10.74
CA VAL A 282 12.79 8.02 11.48
C VAL A 282 12.41 6.74 12.21
N LEU A 283 12.60 5.58 11.58
CA LEU A 283 12.30 4.32 12.26
C LEU A 283 13.24 4.09 13.43
N ILE A 284 14.52 4.47 13.28
CA ILE A 284 15.46 4.37 14.40
C ILE A 284 15.01 5.26 15.54
N LEU A 285 14.57 6.48 15.23
CA LEU A 285 14.03 7.35 16.28
C LEU A 285 12.81 6.72 16.93
N LEU A 286 11.98 6.03 16.14
CA LEU A 286 10.81 5.37 16.69
C LEU A 286 11.21 4.27 17.67
N VAL A 287 12.27 3.52 17.35
CA VAL A 287 12.78 2.53 18.30
C VAL A 287 13.30 3.21 19.55
N PHE A 288 13.87 4.40 19.41
CA PHE A 288 14.42 5.15 20.53
C PHE A 288 13.43 6.15 21.12
N ALA A 289 12.14 5.89 20.99
CA ALA A 289 11.10 6.78 21.50
C ALA A 289 10.31 6.07 22.58
N ASN A 290 10.08 6.76 23.69
CA ASN A 290 9.34 6.20 24.83
C ASN A 290 8.18 7.07 25.27
N ASP A 291 8.35 8.39 25.25
CA ASP A 291 7.27 9.29 25.65
C ASP A 291 6.12 9.22 24.64
N TYR A 292 4.91 9.46 25.14
CA TYR A 292 3.73 9.41 24.29
C TYR A 292 3.80 10.44 23.17
N TRP A 293 4.09 11.69 23.52
CA TRP A 293 4.08 12.74 22.51
C TRP A 293 5.26 12.63 21.56
N SER A 294 6.38 12.06 22.01
CA SER A 294 7.51 11.85 21.12
C SER A 294 7.16 10.87 20.01
N ILE A 295 6.56 9.73 20.38
CA ILE A 295 6.17 8.76 19.36
C ILE A 295 5.03 9.32 18.52
N MET A 296 4.16 10.15 19.10
CA MET A 296 3.13 10.81 18.30
C MET A 296 3.76 11.69 17.23
N LEU A 297 4.76 12.49 17.60
CA LEU A 297 5.40 13.38 16.64
C LEU A 297 6.16 12.58 15.58
N ILE A 298 6.78 11.47 15.97
CA ILE A 298 7.47 10.64 15.00
C ILE A 298 6.47 10.03 14.00
N SER A 299 5.27 9.69 14.48
CA SER A 299 4.28 9.09 13.60
C SER A 299 3.85 10.05 12.49
N PHE A 300 3.84 11.35 12.77
CA PHE A 300 3.41 12.32 11.78
C PHE A 300 4.36 12.36 10.59
N VAL A 301 5.67 12.27 10.84
CA VAL A 301 6.65 12.40 9.78
C VAL A 301 7.23 11.08 9.31
N VAL A 302 6.78 9.94 9.87
CA VAL A 302 7.33 8.67 9.44
C VAL A 302 6.97 8.32 8.00
N PHE A 303 5.86 8.84 7.48
CA PHE A 303 5.35 8.41 6.18
C PHE A 303 5.81 9.28 5.02
N ILE A 304 6.55 10.35 5.27
CA ILE A 304 7.00 11.22 4.18
C ILE A 304 7.89 10.45 3.22
N GLY A 305 8.83 9.67 3.76
CA GLY A 305 9.75 8.93 2.92
C GLY A 305 9.03 7.95 2.00
N PHE A 306 8.08 7.21 2.55
CA PHE A 306 7.36 6.21 1.75
C PHE A 306 6.46 6.88 0.72
N ASP A 307 5.76 7.95 1.13
CA ASP A 307 4.86 8.66 0.23
C ASP A 307 5.59 9.38 -0.88
N MET A 308 6.88 9.66 -0.72
CA MET A 308 7.67 10.16 -1.85
C MET A 308 8.43 9.06 -2.58
N ILE A 309 8.62 7.90 -1.96
CA ILE A 309 9.24 6.78 -2.64
C ILE A 309 8.31 6.22 -3.72
N ARG A 310 7.05 5.98 -3.36
CA ARG A 310 6.15 5.27 -4.27
C ARG A 310 5.99 5.95 -5.63
N PRO A 311 5.68 7.26 -5.73
CA PRO A 311 5.65 7.89 -7.05
C PRO A 311 7.00 7.87 -7.76
N ALA A 312 8.10 7.92 -7.01
CA ALA A 312 9.41 7.82 -7.64
C ALA A 312 9.60 6.47 -8.29
N ILE A 313 9.15 5.40 -7.63
CA ILE A 313 9.22 4.06 -8.23
C ILE A 313 8.34 4.00 -9.47
N THR A 314 7.15 4.61 -9.40
CA THR A 314 6.28 4.63 -10.58
C THR A 314 6.94 5.35 -11.75
N ASN A 315 7.57 6.49 -11.47
CA ASN A 315 8.24 7.24 -12.54
C ASN A 315 9.44 6.47 -13.08
N TYR A 316 10.16 5.76 -12.22
CA TYR A 316 11.25 4.89 -12.69
C TYR A 316 10.72 3.83 -13.64
N PHE A 317 9.62 3.18 -13.26
CA PHE A 317 9.01 2.16 -14.11
C PHE A 317 8.56 2.74 -15.45
N SER A 318 7.99 3.93 -15.42
CA SER A 318 7.56 4.56 -16.68
C SER A 318 8.75 4.97 -17.53
N ASN A 319 9.86 5.35 -16.90
CA ASN A 319 11.02 5.83 -17.64
C ASN A 319 11.79 4.69 -18.29
N ILE A 320 11.89 3.53 -17.64
CA ILE A 320 12.66 2.44 -18.23
C ILE A 320 11.94 1.88 -19.45
N ALA A 321 10.64 1.64 -19.35
CA ALA A 321 9.86 1.04 -20.43
C ALA A 321 9.36 2.13 -21.37
N GLY A 322 9.56 1.92 -22.66
CA GLY A 322 9.15 2.90 -23.66
C GLY A 322 7.99 2.44 -24.51
N GLU A 323 7.78 1.13 -24.60
CA GLU A 323 6.71 0.60 -25.44
C GLU A 323 5.75 -0.30 -24.68
N ARG A 324 6.24 -1.15 -23.79
CA ARG A 324 5.39 -2.09 -23.07
C ARG A 324 4.97 -1.51 -21.72
N GLN A 325 4.25 -0.38 -21.79
CA GLN A 325 3.83 0.31 -20.57
C GLN A 325 2.87 -0.55 -19.75
N GLY A 326 1.95 -1.24 -20.41
CA GLY A 326 1.04 -2.11 -19.68
C GLY A 326 1.77 -3.22 -18.95
N PHE A 327 2.81 -3.77 -19.57
CA PHE A 327 3.62 -4.79 -18.91
C PHE A 327 4.30 -4.23 -17.67
N ALA A 328 4.86 -3.02 -17.76
CA ALA A 328 5.51 -2.41 -16.61
C ALA A 328 4.52 -2.14 -15.49
N GLY A 329 3.34 -1.63 -15.84
CA GLY A 329 2.32 -1.40 -14.83
C GLY A 329 1.85 -2.68 -14.16
N GLY A 330 1.68 -3.74 -14.96
CA GLY A 330 1.32 -5.02 -14.39
C GLY A 330 2.38 -5.56 -13.45
N LEU A 331 3.64 -5.42 -13.83
CA LEU A 331 4.73 -5.85 -12.95
C LEU A 331 4.72 -5.04 -11.65
N ASN A 332 4.52 -3.72 -11.76
CA ASN A 332 4.44 -2.88 -10.57
C ASN A 332 3.33 -3.38 -9.65
N SER A 333 2.14 -3.61 -10.20
CA SER A 333 1.01 -4.02 -9.38
C SER A 333 1.25 -5.38 -8.75
N THR A 334 1.75 -6.34 -9.54
CA THR A 334 1.90 -7.70 -9.01
C THR A 334 2.97 -7.75 -7.92
N PHE A 335 4.06 -6.99 -8.09
CA PHE A 335 5.09 -7.02 -7.06
C PHE A 335 4.71 -6.19 -5.84
N THR A 336 3.93 -5.12 -6.03
CA THR A 336 3.37 -4.42 -4.89
C THR A 336 2.49 -5.34 -4.06
N SER A 337 1.63 -6.12 -4.72
CA SER A 337 0.80 -7.07 -3.99
C SER A 337 1.61 -8.19 -3.36
N MET A 338 2.65 -8.66 -4.06
CA MET A 338 3.49 -9.73 -3.52
C MET A 338 4.20 -9.26 -2.25
N GLY A 339 4.72 -8.04 -2.25
CA GLY A 339 5.32 -7.51 -1.02
C GLY A 339 4.28 -7.24 0.06
N ASN A 340 3.11 -6.73 -0.33
CA ASN A 340 2.04 -6.52 0.62
C ASN A 340 1.56 -7.83 1.24
N PHE A 341 1.82 -8.95 0.58
CA PHE A 341 1.52 -10.26 1.14
C PHE A 341 2.66 -10.79 2.02
N ILE A 342 3.91 -10.66 1.55
CA ILE A 342 5.04 -11.24 2.28
C ILE A 342 5.44 -10.40 3.48
N GLY A 343 5.01 -9.14 3.56
CA GLY A 343 5.36 -8.28 4.67
C GLY A 343 4.69 -8.65 5.97
N PRO A 344 3.34 -8.64 5.99
CA PRO A 344 2.63 -8.89 7.24
C PRO A 344 2.93 -10.23 7.90
N LEU A 345 3.18 -11.29 7.13
CA LEU A 345 3.48 -12.59 7.72
C LEU A 345 4.76 -12.54 8.54
N ILE A 346 5.84 -12.06 7.91
CA ILE A 346 7.12 -11.95 8.61
C ILE A 346 7.02 -10.96 9.76
N ALA A 347 6.29 -9.86 9.55
CA ALA A 347 6.12 -8.87 10.61
C ALA A 347 5.43 -9.48 11.82
N GLY A 348 4.37 -10.26 11.60
CA GLY A 348 3.69 -10.90 12.72
C GLY A 348 4.54 -11.93 13.42
N ALA A 349 5.26 -12.75 12.66
CA ALA A 349 6.13 -13.73 13.28
C ALA A 349 7.21 -13.06 14.12
N LEU A 350 7.83 -12.01 13.60
CA LEU A 350 8.87 -11.31 14.33
C LEU A 350 8.29 -10.60 15.56
N PHE A 351 7.10 -10.04 15.43
CA PHE A 351 6.45 -9.42 16.58
C PHE A 351 6.19 -10.43 17.67
N ASP A 352 5.77 -11.64 17.29
CA ASP A 352 5.62 -12.71 18.27
C ASP A 352 6.96 -13.03 18.93
N VAL A 353 8.04 -13.06 18.13
CA VAL A 353 9.35 -13.39 18.69
C VAL A 353 9.87 -12.24 19.56
N HIS A 354 9.76 -11.01 19.08
CA HIS A 354 10.28 -9.86 19.82
C HIS A 354 9.37 -8.66 19.59
N ILE A 355 9.35 -7.75 20.57
CA ILE A 355 8.43 -6.63 20.54
C ILE A 355 8.80 -5.65 19.43
N GLU A 356 10.09 -5.43 19.19
CA GLU A 356 10.56 -4.44 18.23
C GLU A 356 11.19 -5.05 17.00
N ALA A 357 11.08 -6.37 16.84
CA ALA A 357 11.69 -7.03 15.68
C ALA A 357 11.17 -6.54 14.33
N PRO A 358 9.86 -6.36 14.11
CA PRO A 358 9.42 -5.91 12.78
C PRO A 358 10.02 -4.60 12.34
N ILE A 359 10.26 -3.67 13.27
CA ILE A 359 10.90 -2.40 12.89
C ILE A 359 12.35 -2.63 12.48
N TYR A 360 13.03 -3.56 13.15
CA TYR A 360 14.38 -3.92 12.73
C TYR A 360 14.37 -4.54 11.34
N MET A 361 13.35 -5.36 11.04
CA MET A 361 13.22 -5.92 9.70
C MET A 361 12.97 -4.82 8.68
N ALA A 362 12.14 -3.84 9.01
CA ALA A 362 11.89 -2.73 8.10
C ALA A 362 13.15 -1.92 7.85
N ILE A 363 13.94 -1.68 8.90
CA ILE A 363 15.19 -0.95 8.74
C ILE A 363 16.16 -1.75 7.86
N GLY A 364 16.24 -3.05 8.07
CA GLY A 364 17.10 -3.88 7.25
C GLY A 364 16.69 -3.88 5.79
N VAL A 365 15.37 -3.96 5.53
CA VAL A 365 14.89 -3.92 4.15
C VAL A 365 15.17 -2.57 3.51
N SER A 366 15.00 -1.49 4.28
CA SER A 366 15.30 -0.17 3.74
C SER A 366 16.78 -0.02 3.43
N LEU A 367 17.65 -0.56 4.29
CA LEU A 367 19.08 -0.51 4.01
C LEU A 367 19.44 -1.36 2.80
N ALA A 368 18.77 -2.50 2.64
CA ALA A 368 18.97 -3.30 1.44
C ALA A 368 18.55 -2.54 0.19
N GLY A 369 17.45 -1.81 0.27
CA GLY A 369 17.05 -0.97 -0.84
C GLY A 369 18.06 0.13 -1.13
N VAL A 370 18.65 0.69 -0.08
CA VAL A 370 19.70 1.70 -0.25
C VAL A 370 20.90 1.10 -0.97
N VAL A 371 21.30 -0.10 -0.57
CA VAL A 371 22.43 -0.76 -1.22
C VAL A 371 22.11 -1.07 -2.67
N ILE A 372 20.88 -1.52 -2.94
CA ILE A 372 20.48 -1.80 -4.31
C ILE A 372 20.54 -0.53 -5.16
N VAL A 373 20.04 0.57 -4.62
CA VAL A 373 20.06 1.84 -5.36
C VAL A 373 21.49 2.27 -5.61
N LEU A 374 22.37 2.14 -4.61
CA LEU A 374 23.76 2.52 -4.79
C LEU A 374 24.44 1.65 -5.84
N ILE A 375 24.15 0.35 -5.84
CA ILE A 375 24.74 -0.57 -6.83
C ILE A 375 24.27 -0.20 -8.23
N GLU A 376 22.98 0.09 -8.38
CA GLU A 376 22.46 0.47 -9.70
C GLU A 376 23.07 1.80 -10.16
N LYS A 377 23.20 2.76 -9.25
CA LYS A 377 23.80 4.03 -9.60
C LYS A 377 25.25 3.86 -10.02
N GLN A 378 26.01 3.02 -9.31
CA GLN A 378 27.40 2.77 -9.68
C GLN A 378 27.49 2.05 -11.02
N HIS A 379 26.57 1.13 -11.29
CA HIS A 379 26.53 0.46 -12.58
C HIS A 379 26.29 1.45 -13.72
N ARG A 380 25.30 2.33 -13.56
CA ARG A 380 25.01 3.31 -14.60
C ARG A 380 26.17 4.30 -14.75
N ALA A 381 26.78 4.70 -13.65
CA ALA A 381 27.91 5.62 -13.72
C ALA A 381 29.09 4.98 -14.43
N ALA A 382 29.36 3.70 -14.16
CA ALA A 382 30.44 3.01 -14.85
C ALA A 382 30.15 2.90 -16.35
N ALA A 383 28.91 2.58 -16.71
CA ALA A 383 28.56 2.49 -18.12
C ALA A 383 28.72 3.84 -18.81
N ALA A 384 28.23 4.91 -18.19
CA ALA A 384 28.37 6.24 -18.78
C ALA A 384 29.82 6.67 -18.88
N ASP A 385 30.62 6.36 -17.86
CA ASP A 385 32.03 6.72 -17.89
C ASP A 385 32.77 5.97 -18.99
N LEU A 386 32.44 4.69 -19.20
CA LEU A 386 33.05 3.94 -20.29
C LEU A 386 32.63 4.50 -21.64
N GLU A 387 31.34 4.85 -21.79
CA GLU A 387 30.87 5.39 -23.05
C GLU A 387 31.54 6.73 -23.36
N ASP A 388 31.66 7.60 -22.36
CA ASP A 388 32.39 8.85 -22.55
C ASP A 388 33.86 8.59 -22.86
N ASN A 389 34.45 7.60 -22.18
CA ASN A 389 35.79 7.16 -22.52
C ASN A 389 35.86 6.56 -23.92
N TRP A 390 34.74 6.10 -24.45
CA TRP A 390 34.69 5.57 -25.81
C TRP A 390 34.64 6.72 -26.81
#